data_4Q38
#
_entry.id   4Q38
#
_cell.length_a   133.806
_cell.length_b   133.806
_cell.length_c   49.301
_cell.angle_alpha   90.00
_cell.angle_beta   90.00
_cell.angle_gamma   120.00
#
_symmetry.space_group_name_H-M   'P 65'
#
loop_
_entity.id
_entity.type
_entity.pdbx_description
1 polymer 'Putative uncharacterized protein tcp24'
2 non-polymer 'SULFATE ION'
3 non-polymer 'COENZYME A'
4 non-polymer 2-amino-6-O-decanoyl-2-deoxy-beta-D-glucopyranose
5 water water
#
_entity_poly.entity_id   1
_entity_poly.type   'polypeptide(L)'
_entity_poly.pdbx_seq_one_letter_code
;MGSSHHHHHHSSGLVMDPETVRIALGLEERTAAWLTELDELGPPAEPVRLPRGEEARDLLRRLEVPELDAEEIVAAAPDP
DRDPALWWLLERTHHAIVRHMGDHRAKPRGGPPLPYEGGAAARYFHVYVFLATVPAVRRFHAERGIPDEVGWETLTQLGE
LVAIHRRKYGQGGMNMQWWTTYHLRGILYRLGRLQFSLATGKDGTPHLGLHVPEWGGPLLPKAYDESLHRARPFFDRHFP
EHGARVAWGSSWMLDPQLEEYLTEDSNIIQLARFWTLTDSAPEPGNADGDSSILEFVFRYNGQPLDELPQRSSLERAVIA
HLKAGRHWHMRTGFVKLP
;
_entity_poly.pdbx_strand_id   A
#
# COMPACT_ATOMS: atom_id res chain seq x y z
N MET A 16 -7.26 -29.80 -5.08
CA MET A 16 -8.36 -29.37 -4.15
C MET A 16 -9.43 -28.59 -4.87
N ASP A 17 -10.54 -28.34 -4.18
CA ASP A 17 -11.62 -27.57 -4.77
C ASP A 17 -11.87 -26.29 -3.95
N PRO A 18 -12.31 -25.20 -4.62
CA PRO A 18 -12.41 -23.88 -3.97
C PRO A 18 -13.27 -23.87 -2.72
N GLU A 19 -14.36 -24.63 -2.71
CA GLU A 19 -15.22 -24.77 -1.54
C GLU A 19 -14.50 -25.41 -0.35
N THR A 20 -13.67 -26.42 -0.62
CA THR A 20 -12.89 -27.10 0.41
C THR A 20 -11.84 -26.15 0.99
N VAL A 21 -11.17 -25.42 0.11
CA VAL A 21 -10.22 -24.37 0.52
C VAL A 21 -10.93 -23.34 1.39
N ARG A 22 -12.06 -22.82 0.90
CA ARG A 22 -12.81 -21.79 1.63
C ARG A 22 -13.17 -22.24 3.04
N ILE A 23 -13.68 -23.47 3.15
CA ILE A 23 -14.13 -24.02 4.42
C ILE A 23 -12.95 -24.31 5.36
N ALA A 24 -11.90 -24.92 4.82
CA ALA A 24 -10.67 -25.20 5.59
C ALA A 24 -10.07 -23.94 6.20
N LEU A 25 -10.01 -22.86 5.41
CA LEU A 25 -9.35 -21.64 5.86
C LEU A 25 -10.27 -20.74 6.70
N GLY A 26 -11.55 -21.06 6.70
CA GLY A 26 -12.53 -20.32 7.49
C GLY A 26 -12.98 -19.05 6.80
N LEU A 27 -12.83 -19.02 5.48
CA LEU A 27 -13.19 -17.85 4.66
C LEU A 27 -14.69 -17.71 4.46
N GLU A 28 -15.19 -16.48 4.48
CA GLU A 28 -16.63 -16.20 4.34
C GLU A 28 -17.19 -16.61 2.98
N GLU A 29 -18.52 -16.81 2.94
CA GLU A 29 -19.20 -17.26 1.73
C GLU A 29 -19.02 -16.33 0.54
N ARG A 30 -18.93 -15.02 0.80
CA ARG A 30 -18.75 -14.03 -0.25
C ARG A 30 -17.44 -14.20 -1.03
N THR A 31 -16.44 -14.85 -0.42
CA THR A 31 -15.14 -15.06 -1.07
C THR A 31 -15.20 -16.16 -2.14
N ALA A 32 -16.32 -16.86 -2.22
CA ALA A 32 -16.50 -17.97 -3.17
C ALA A 32 -16.21 -17.59 -4.63
N ALA A 33 -16.73 -16.45 -5.06
CA ALA A 33 -16.53 -15.96 -6.43
C ALA A 33 -15.04 -15.79 -6.74
N TRP A 34 -14.31 -15.16 -5.81
CA TRP A 34 -12.86 -14.99 -5.93
C TRP A 34 -12.16 -16.32 -6.05
N LEU A 35 -12.55 -17.25 -5.18
CA LEU A 35 -11.91 -18.57 -5.14
C LEU A 35 -12.20 -19.40 -6.38
N THR A 36 -13.41 -19.25 -6.92
CA THR A 36 -13.75 -19.86 -8.23
C THR A 36 -12.86 -19.27 -9.31
N GLU A 37 -12.73 -17.95 -9.31
CA GLU A 37 -11.86 -17.29 -10.28
C GLU A 37 -10.43 -17.81 -10.19
N LEU A 38 -9.93 -17.97 -8.96
CA LEU A 38 -8.58 -18.50 -8.76
C LEU A 38 -8.48 -19.97 -9.18
N ASP A 39 -9.55 -20.73 -8.98
CA ASP A 39 -9.58 -22.12 -9.44
C ASP A 39 -9.44 -22.18 -10.97
N GLU A 40 -10.23 -21.37 -11.67
CA GLU A 40 -10.16 -21.32 -13.14
C GLU A 40 -8.82 -20.82 -13.66
N LEU A 41 -8.23 -19.85 -12.96
CA LEU A 41 -6.90 -19.35 -13.30
C LEU A 41 -5.81 -20.43 -13.18
N GLY A 42 -5.90 -21.22 -12.10
CA GLY A 42 -4.95 -22.31 -11.88
C GLY A 42 -3.60 -21.88 -11.34
N PRO A 43 -2.69 -22.84 -11.11
CA PRO A 43 -1.33 -22.58 -10.62
C PRO A 43 -0.49 -21.79 -11.63
N PRO A 44 0.56 -21.09 -11.17
CA PRO A 44 1.42 -20.33 -12.07
C PRO A 44 2.30 -21.24 -12.92
N ALA A 45 2.76 -20.74 -14.07
CA ALA A 45 3.65 -21.49 -14.95
C ALA A 45 4.98 -21.77 -14.25
N GLU A 46 5.56 -20.72 -13.66
CA GLU A 46 6.71 -20.87 -12.79
C GLU A 46 6.19 -21.24 -11.39
N PRO A 47 6.53 -22.46 -10.91
CA PRO A 47 6.07 -22.92 -9.60
C PRO A 47 6.40 -21.89 -8.50
N VAL A 48 5.49 -21.75 -7.54
CA VAL A 48 5.71 -20.84 -6.41
C VAL A 48 6.82 -21.37 -5.51
N ARG A 49 7.81 -20.52 -5.26
CA ARG A 49 8.92 -20.86 -4.38
C ARG A 49 9.00 -19.85 -3.24
N LEU A 50 8.97 -20.34 -2.00
CA LEU A 50 9.30 -19.48 -0.87
C LEU A 50 10.76 -19.63 -0.50
N PRO A 51 11.47 -18.50 -0.33
CA PRO A 51 12.79 -18.57 0.27
C PRO A 51 12.67 -19.09 1.71
N ARG A 52 13.68 -19.83 2.16
CA ARG A 52 13.68 -20.38 3.51
C ARG A 52 15.00 -20.00 4.19
N GLY A 53 15.02 -20.06 5.52
CA GLY A 53 16.25 -19.84 6.29
C GLY A 53 16.92 -18.51 6.09
N GLU A 54 18.24 -18.51 5.98
CA GLU A 54 19.03 -17.29 5.85
C GLU A 54 18.79 -16.55 4.54
N GLU A 55 18.40 -17.27 3.49
CA GLU A 55 17.96 -16.64 2.26
C GLU A 55 16.72 -15.79 2.53
N ALA A 56 15.73 -16.39 3.21
CA ALA A 56 14.51 -15.69 3.59
C ALA A 56 14.81 -14.51 4.52
N ARG A 57 15.72 -14.71 5.47
CA ARG A 57 16.11 -13.64 6.39
C ARG A 57 16.81 -12.49 5.69
N ASP A 58 17.62 -12.81 4.67
CA ASP A 58 18.30 -11.77 3.89
C ASP A 58 17.29 -10.94 3.10
N LEU A 59 16.35 -11.62 2.45
CA LEU A 59 15.34 -10.93 1.66
C LEU A 59 14.45 -10.05 2.54
N LEU A 60 13.94 -10.61 3.64
CA LEU A 60 13.12 -9.83 4.58
C LEU A 60 13.84 -8.57 5.11
N ARG A 61 15.15 -8.70 5.34
CA ARG A 61 15.94 -7.58 5.82
C ARG A 61 16.10 -6.52 4.73
N ARG A 62 16.30 -6.98 3.50
CA ARG A 62 16.37 -6.09 2.33
C ARG A 62 15.05 -5.31 2.16
N LEU A 63 13.95 -5.94 2.52
CA LEU A 63 12.62 -5.33 2.45
C LEU A 63 12.27 -4.57 3.75
N GLU A 64 13.25 -4.40 4.63
CA GLU A 64 13.09 -3.63 5.88
C GLU A 64 11.98 -4.13 6.81
N VAL A 65 11.69 -5.41 6.75
CA VAL A 65 10.79 -6.04 7.73
C VAL A 65 11.51 -6.08 9.09
N PRO A 66 10.86 -5.62 10.17
CA PRO A 66 11.57 -5.63 11.46
C PRO A 66 12.02 -7.04 11.85
N GLU A 67 13.15 -7.14 12.55
CA GLU A 67 13.75 -8.43 12.89
C GLU A 67 12.78 -9.37 13.57
N LEU A 68 11.99 -8.84 14.51
CA LEU A 68 11.02 -9.65 15.26
C LEU A 68 10.04 -10.37 14.33
N ASP A 69 9.39 -9.61 13.45
CA ASP A 69 8.44 -10.17 12.49
C ASP A 69 9.11 -11.13 11.53
N ALA A 70 10.28 -10.77 11.01
CA ALA A 70 11.01 -11.59 10.05
C ALA A 70 11.32 -12.98 10.60
N GLU A 71 11.78 -13.04 11.85
CA GLU A 71 12.01 -14.30 12.56
C GLU A 71 10.75 -15.14 12.52
N GLU A 72 9.64 -14.52 12.90
CA GLU A 72 8.36 -15.21 12.97
C GLU A 72 7.88 -15.67 11.61
N ILE A 73 8.10 -14.82 10.60
CA ILE A 73 7.70 -15.13 9.23
C ILE A 73 8.44 -16.38 8.74
N VAL A 74 9.75 -16.42 8.96
CA VAL A 74 10.56 -17.55 8.53
C VAL A 74 10.13 -18.83 9.27
N ALA A 75 9.89 -18.69 10.57
CA ALA A 75 9.52 -19.82 11.42
C ALA A 75 8.21 -20.45 10.98
N ALA A 76 7.24 -19.63 10.59
CA ALA A 76 5.89 -20.12 10.29
C ALA A 76 5.63 -20.44 8.82
N ALA A 77 6.64 -20.28 7.96
CA ALA A 77 6.46 -20.49 6.52
C ALA A 77 5.72 -21.79 6.23
N PRO A 78 4.66 -21.70 5.41
CA PRO A 78 3.83 -22.85 5.15
C PRO A 78 4.51 -23.92 4.29
N ASP A 79 3.92 -25.11 4.30
CA ASP A 79 4.43 -26.27 3.60
C ASP A 79 3.32 -26.82 2.70
N PRO A 80 3.66 -27.21 1.44
CA PRO A 80 2.67 -27.74 0.50
C PRO A 80 1.86 -28.94 1.04
N ASP A 81 2.48 -29.76 1.88
CA ASP A 81 1.85 -30.99 2.36
C ASP A 81 1.01 -30.80 3.62
N ARG A 82 1.56 -30.10 4.60
CA ARG A 82 0.86 -29.85 5.85
C ARG A 82 -0.14 -28.69 5.76
N ASP A 83 0.08 -27.78 4.81
CA ASP A 83 -0.80 -26.62 4.62
C ASP A 83 -1.38 -26.60 3.20
N PRO A 84 -2.11 -27.67 2.81
CA PRO A 84 -2.54 -27.76 1.40
C PRO A 84 -3.50 -26.67 0.93
N ALA A 85 -4.46 -26.30 1.79
CA ALA A 85 -5.45 -25.28 1.42
C ALA A 85 -4.76 -23.93 1.30
N LEU A 86 -3.91 -23.61 2.28
CA LEU A 86 -3.15 -22.37 2.26
C LEU A 86 -2.23 -22.31 1.04
N TRP A 87 -1.57 -23.42 0.73
CA TRP A 87 -0.66 -23.48 -0.41
C TRP A 87 -1.38 -23.31 -1.72
N TRP A 88 -2.54 -23.96 -1.86
CA TRP A 88 -3.39 -23.83 -3.04
C TRP A 88 -3.67 -22.37 -3.31
N LEU A 89 -4.03 -21.64 -2.26
CA LEU A 89 -4.38 -20.22 -2.35
C LEU A 89 -3.16 -19.32 -2.61
N LEU A 90 -2.03 -19.65 -2.00
CA LEU A 90 -0.79 -18.92 -2.21
C LEU A 90 -0.32 -18.95 -3.68
N GLU A 91 -0.39 -20.13 -4.29
CA GLU A 91 -0.01 -20.29 -5.69
C GLU A 91 -0.87 -19.46 -6.63
N ARG A 92 -2.18 -19.56 -6.44
CA ARG A 92 -3.16 -18.90 -7.30
C ARG A 92 -3.24 -17.39 -7.09
N THR A 93 -3.06 -16.96 -5.85
CA THR A 93 -3.05 -15.53 -5.52
C THR A 93 -1.82 -14.88 -6.14
N HIS A 94 -0.68 -15.56 -6.03
CA HIS A 94 0.53 -15.14 -6.74
C HIS A 94 0.26 -15.00 -8.22
N HIS A 95 -0.37 -16.03 -8.79
CA HIS A 95 -0.71 -16.03 -10.23
C HIS A 95 -1.65 -14.90 -10.60
N ALA A 96 -2.67 -14.67 -9.77
CA ALA A 96 -3.65 -13.61 -10.01
C ALA A 96 -3.03 -12.21 -9.99
N ILE A 97 -1.88 -12.07 -9.33
CA ILE A 97 -1.13 -10.81 -9.34
C ILE A 97 -0.21 -10.68 -10.56
N VAL A 98 0.64 -11.69 -10.80
CA VAL A 98 1.63 -11.59 -11.89
C VAL A 98 1.01 -11.57 -13.29
N ARG A 99 -0.23 -12.08 -13.42
CA ARG A 99 -0.96 -12.00 -14.68
C ARG A 99 -1.23 -10.54 -15.08
N HIS A 100 -1.19 -9.63 -14.09
CA HIS A 100 -1.37 -8.20 -14.35
C HIS A 100 -0.10 -7.40 -14.20
N MET A 101 1.06 -8.06 -14.28
CA MET A 101 2.34 -7.37 -14.19
C MET A 101 2.37 -6.20 -15.18
N GLY A 102 2.69 -5.00 -14.68
CA GLY A 102 2.76 -3.79 -15.49
C GLY A 102 1.41 -3.22 -15.91
N ASP A 103 0.32 -3.81 -15.43
CA ASP A 103 -1.02 -3.39 -15.85
C ASP A 103 -1.74 -2.58 -14.76
N HIS A 104 -1.77 -1.27 -14.91
CA HIS A 104 -2.40 -0.38 -13.92
C HIS A 104 -3.88 -0.23 -14.17
N ARG A 105 -4.37 -0.75 -15.28
CA ARG A 105 -5.80 -0.72 -15.53
C ARG A 105 -6.56 -1.82 -14.79
N ALA A 106 -5.84 -2.83 -14.33
CA ALA A 106 -6.45 -3.90 -13.54
C ALA A 106 -6.68 -3.43 -12.11
N LYS A 107 -7.84 -3.79 -11.53
CA LYS A 107 -8.15 -3.46 -10.13
C LYS A 107 -7.15 -4.15 -9.18
N PRO A 108 -6.87 -3.53 -8.02
CA PRO A 108 -5.87 -4.05 -7.07
C PRO A 108 -6.40 -5.19 -6.18
N ARG A 109 -6.59 -6.38 -6.74
CA ARG A 109 -7.19 -7.47 -5.97
C ARG A 109 -6.12 -8.39 -5.40
N GLY A 110 -5.83 -8.24 -4.10
CA GLY A 110 -4.79 -9.05 -3.45
C GLY A 110 -5.35 -10.30 -2.79
N GLY A 111 -6.68 -10.40 -2.76
CA GLY A 111 -7.34 -11.51 -2.07
C GLY A 111 -7.71 -11.14 -0.64
N PRO A 112 -8.56 -11.94 0.01
CA PRO A 112 -9.00 -11.64 1.37
C PRO A 112 -7.92 -11.91 2.42
N PRO A 113 -8.03 -11.28 3.59
CA PRO A 113 -7.19 -11.67 4.72
C PRO A 113 -7.62 -13.07 5.23
N LEU A 114 -6.70 -13.84 5.78
CA LEU A 114 -7.04 -15.16 6.34
C LEU A 114 -7.37 -15.05 7.83
N PRO A 115 -8.45 -15.70 8.27
CA PRO A 115 -8.81 -15.71 9.69
C PRO A 115 -7.62 -16.16 10.56
N TYR A 116 -7.38 -15.48 11.68
CA TYR A 116 -6.14 -15.68 12.45
C TYR A 116 -6.16 -16.98 13.26
N GLU A 117 -7.28 -17.70 13.24
CA GLU A 117 -7.35 -19.05 13.80
C GLU A 117 -6.42 -20.02 13.08
N GLY A 118 -6.02 -19.67 11.86
CA GLY A 118 -5.01 -20.44 11.12
C GLY A 118 -3.56 -20.18 11.56
N GLY A 119 -3.39 -19.32 12.56
CA GLY A 119 -2.07 -19.09 13.15
C GLY A 119 -1.17 -18.16 12.38
N ALA A 120 0.13 -18.27 12.62
CA ALA A 120 1.11 -17.38 12.03
C ALA A 120 1.14 -17.46 10.49
N ALA A 121 1.05 -18.67 9.92
CA ALA A 121 1.01 -18.82 8.46
C ALA A 121 -0.17 -18.06 7.84
N ALA A 122 -1.30 -18.05 8.56
CA ALA A 122 -2.49 -17.33 8.11
C ALA A 122 -2.30 -15.82 8.25
N ARG A 123 -1.83 -15.38 9.41
CA ARG A 123 -1.53 -13.96 9.67
C ARG A 123 -0.50 -13.40 8.68
N TYR A 124 0.50 -14.19 8.33
CA TYR A 124 1.55 -13.73 7.43
C TYR A 124 1.32 -14.14 5.96
N PHE A 125 0.12 -14.61 5.64
CA PHE A 125 -0.16 -15.14 4.30
C PHE A 125 0.32 -14.22 3.17
N HIS A 126 -0.05 -12.95 3.24
CA HIS A 126 0.27 -12.02 2.16
C HIS A 126 1.69 -11.56 2.15
N VAL A 127 2.39 -11.76 3.26
CA VAL A 127 3.85 -11.62 3.24
C VAL A 127 4.46 -12.73 2.38
N TYR A 128 3.95 -13.96 2.52
CA TYR A 128 4.44 -15.08 1.68
C TYR A 128 4.11 -14.84 0.21
N VAL A 129 2.92 -14.32 -0.06
CA VAL A 129 2.56 -13.88 -1.41
C VAL A 129 3.60 -12.91 -1.93
N PHE A 130 3.93 -11.89 -1.11
CA PHE A 130 4.87 -10.86 -1.51
C PHE A 130 6.25 -11.49 -1.80
N LEU A 131 6.76 -12.29 -0.86
CA LEU A 131 8.05 -12.97 -1.02
C LEU A 131 8.10 -13.84 -2.28
N ALA A 132 7.03 -14.56 -2.54
CA ALA A 132 6.98 -15.46 -3.69
C ALA A 132 6.95 -14.68 -5.00
N THR A 133 6.55 -13.42 -4.93
CA THR A 133 6.33 -12.59 -6.12
C THR A 133 7.50 -11.65 -6.40
N VAL A 134 8.41 -11.53 -5.43
CA VAL A 134 9.58 -10.67 -5.59
C VAL A 134 10.39 -10.99 -6.87
N PRO A 135 10.69 -12.29 -7.14
CA PRO A 135 11.47 -12.57 -8.35
C PRO A 135 10.78 -12.07 -9.63
N ALA A 136 9.48 -12.32 -9.75
CA ALA A 136 8.72 -11.85 -10.91
C ALA A 136 8.78 -10.31 -11.08
N VAL A 137 8.52 -9.57 -10.02
CA VAL A 137 8.52 -8.10 -10.16
C VAL A 137 9.93 -7.58 -10.41
N ARG A 138 10.94 -8.21 -9.80
CA ARG A 138 12.33 -7.80 -10.03
C ARG A 138 12.75 -8.04 -11.49
N ARG A 139 12.23 -9.10 -12.10
CA ARG A 139 12.47 -9.36 -13.54
C ARG A 139 11.82 -8.27 -14.38
N PHE A 140 10.61 -7.87 -14.00
CA PHE A 140 9.91 -6.77 -14.67
C PHE A 140 10.70 -5.45 -14.54
N HIS A 141 11.17 -5.14 -13.32
CA HIS A 141 12.05 -3.96 -13.11
C HIS A 141 13.24 -3.98 -14.05
N ALA A 142 13.90 -5.12 -14.14
CA ALA A 142 15.05 -5.28 -15.05
C ALA A 142 14.69 -5.06 -16.52
N GLU A 143 13.57 -5.64 -16.95
CA GLU A 143 13.09 -5.49 -18.34
C GLU A 143 12.80 -4.02 -18.67
N ARG A 144 12.31 -3.28 -17.68
CA ARG A 144 12.00 -1.87 -17.84
C ARG A 144 13.22 -0.96 -17.63
N GLY A 145 14.36 -1.55 -17.27
CA GLY A 145 15.58 -0.77 -17.07
C GLY A 145 15.59 0.03 -15.78
N ILE A 146 14.72 -0.31 -14.84
CA ILE A 146 14.63 0.37 -13.54
C ILE A 146 15.91 0.10 -12.75
N PRO A 147 16.56 1.16 -12.22
CA PRO A 147 17.73 0.91 -11.37
C PRO A 147 17.41 0.03 -10.17
N ASP A 148 18.34 -0.83 -9.80
CA ASP A 148 18.16 -1.76 -8.68
C ASP A 148 17.79 -1.05 -7.38
N GLU A 149 18.42 0.11 -7.13
CA GLU A 149 18.19 0.83 -5.88
C GLU A 149 16.74 1.34 -5.80
N VAL A 150 16.18 1.70 -6.94
CA VAL A 150 14.79 2.19 -7.01
C VAL A 150 13.85 1.02 -6.79
N GLY A 151 14.13 -0.10 -7.46
CA GLY A 151 13.34 -1.32 -7.30
C GLY A 151 13.26 -1.76 -5.85
N TRP A 152 14.43 -1.85 -5.19
CA TRP A 152 14.46 -2.22 -3.77
C TRP A 152 13.81 -1.20 -2.88
N GLU A 153 14.12 0.07 -3.07
CA GLU A 153 13.51 1.15 -2.26
C GLU A 153 11.99 1.05 -2.31
N THR A 154 11.45 0.79 -3.50
CA THR A 154 10.00 0.61 -3.69
C THR A 154 9.46 -0.55 -2.86
N LEU A 155 10.12 -1.70 -2.93
CA LEU A 155 9.64 -2.91 -2.29
C LEU A 155 9.72 -2.89 -0.75
N THR A 156 10.56 -2.00 -0.20
CA THR A 156 10.71 -1.87 1.26
C THR A 156 9.44 -1.43 2.00
N GLN A 157 8.43 -0.91 1.28
CA GLN A 157 7.19 -0.62 2.00
C GLN A 157 6.59 -1.88 2.64
N LEU A 158 6.99 -3.07 2.19
CA LEU A 158 6.52 -4.28 2.86
C LEU A 158 6.83 -4.23 4.35
N GLY A 159 8.06 -3.85 4.69
CA GLY A 159 8.44 -3.76 6.10
C GLY A 159 7.61 -2.77 6.87
N GLU A 160 7.35 -1.61 6.28
CA GLU A 160 6.52 -0.57 6.89
C GLU A 160 5.12 -1.12 7.19
N LEU A 161 4.56 -1.83 6.24
CA LEU A 161 3.18 -2.33 6.37
C LEU A 161 3.10 -3.47 7.38
N VAL A 162 4.16 -4.30 7.43
CA VAL A 162 4.27 -5.30 8.49
C VAL A 162 4.31 -4.61 9.86
N ALA A 163 5.19 -3.62 10.02
CA ALA A 163 5.30 -2.86 11.28
C ALA A 163 3.98 -2.21 11.68
N ILE A 164 3.28 -1.64 10.70
CA ILE A 164 1.96 -1.05 10.92
C ILE A 164 0.97 -2.07 11.46
N HIS A 165 0.94 -3.27 10.88
CA HIS A 165 0.03 -4.30 11.39
C HIS A 165 0.21 -4.51 12.87
N ARG A 166 1.46 -4.64 13.29
CA ARG A 166 1.77 -4.94 14.69
C ARG A 166 1.44 -3.77 15.60
N ARG A 167 1.73 -2.55 15.16
CA ARG A 167 1.34 -1.36 15.94
C ARG A 167 -0.17 -1.29 16.12
N LYS A 168 -0.90 -1.56 15.05
CA LYS A 168 -2.35 -1.42 15.03
C LYS A 168 -3.09 -2.52 15.82
N TYR A 169 -2.65 -3.77 15.68
CA TYR A 169 -3.40 -4.90 16.20
C TYR A 169 -2.75 -5.65 17.36
N GLY A 170 -1.43 -5.52 17.48
CA GLY A 170 -0.70 -6.09 18.60
C GLY A 170 0.06 -7.38 18.33
N GLN A 171 -0.17 -7.99 17.17
CA GLN A 171 0.59 -9.18 16.78
C GLN A 171 1.01 -9.09 15.31
N GLY A 172 1.86 -10.02 14.87
CA GLY A 172 2.41 -10.00 13.52
C GLY A 172 1.38 -10.25 12.44
N GLY A 173 1.56 -9.58 11.31
CA GLY A 173 0.63 -9.73 10.18
C GLY A 173 0.91 -8.66 9.13
N MET A 174 0.11 -8.69 8.07
CA MET A 174 0.19 -7.66 7.01
C MET A 174 -1.12 -7.79 6.25
N ASN A 175 -2.05 -6.87 6.52
CA ASN A 175 -3.36 -6.92 5.92
C ASN A 175 -3.65 -5.78 4.92
N MET A 176 -2.59 -5.23 4.34
CA MET A 176 -2.68 -4.21 3.29
C MET A 176 -2.31 -4.81 1.91
N GLN A 177 -2.68 -6.06 1.69
CA GLN A 177 -2.38 -6.77 0.45
C GLN A 177 -2.95 -6.12 -0.82
N TRP A 178 -4.06 -5.38 -0.70
CA TRP A 178 -4.59 -4.68 -1.87
C TRP A 178 -3.59 -3.67 -2.35
N TRP A 179 -2.93 -3.01 -1.42
CA TRP A 179 -1.95 -1.96 -1.73
C TRP A 179 -0.66 -2.51 -2.27
N THR A 180 -0.18 -3.61 -1.69
CA THR A 180 1.06 -4.23 -2.22
C THR A 180 0.91 -4.81 -3.63
N THR A 181 -0.31 -4.96 -4.15
CA THR A 181 -0.47 -5.37 -5.56
C THR A 181 0.12 -4.32 -6.50
N TYR A 182 0.17 -3.06 -6.04
CA TYR A 182 0.77 -1.99 -6.84
C TYR A 182 2.28 -2.21 -6.95
N HIS A 183 2.94 -2.43 -5.82
CA HIS A 183 4.38 -2.66 -5.82
C HIS A 183 4.70 -3.89 -6.63
N LEU A 184 3.93 -4.95 -6.41
CA LEU A 184 4.19 -6.26 -7.03
C LEU A 184 3.86 -6.34 -8.53
N ARG A 185 3.03 -5.41 -9.02
CA ARG A 185 2.80 -5.32 -10.45
C ARG A 185 3.75 -4.37 -11.14
N GLY A 186 4.69 -3.78 -10.41
CA GLY A 186 5.62 -2.85 -11.03
C GLY A 186 4.96 -1.59 -11.59
N ILE A 187 3.85 -1.18 -10.99
CA ILE A 187 3.13 0.03 -11.40
C ILE A 187 3.27 1.17 -10.41
N LEU A 188 4.04 0.94 -9.35
CA LEU A 188 4.29 1.94 -8.31
C LEU A 188 5.80 1.96 -8.05
N TYR A 189 6.35 3.16 -7.93
CA TYR A 189 7.79 3.36 -7.65
C TYR A 189 8.02 4.42 -6.60
N ARG A 190 8.86 4.10 -5.63
CA ARG A 190 9.28 5.10 -4.64
C ARG A 190 10.47 5.85 -5.21
N LEU A 191 10.31 7.16 -5.34
CA LEU A 191 11.33 8.02 -5.91
C LEU A 191 11.74 9.06 -4.87
N GLY A 192 12.43 8.60 -3.84
CA GLY A 192 12.78 9.50 -2.72
C GLY A 192 11.67 9.46 -1.68
N ARG A 193 11.24 10.63 -1.22
CA ARG A 193 10.23 10.70 -0.14
C ARG A 193 8.84 10.26 -0.62
N LEU A 194 8.54 10.52 -1.88
CA LEU A 194 7.21 10.21 -2.44
C LEU A 194 7.24 8.97 -3.34
N GLN A 195 6.07 8.34 -3.48
CA GLN A 195 5.84 7.30 -4.46
C GLN A 195 4.96 7.83 -5.58
N PHE A 196 5.13 7.23 -6.76
CA PHE A 196 4.30 7.55 -7.93
C PHE A 196 3.79 6.29 -8.58
N SER A 197 2.49 6.27 -8.89
CA SER A 197 1.89 5.14 -9.59
C SER A 197 1.46 5.52 -11.01
N LEU A 198 1.65 4.60 -11.94
CA LEU A 198 1.06 4.73 -13.28
C LEU A 198 -0.45 4.72 -13.10
N ALA A 199 -1.12 5.72 -13.65
CA ALA A 199 -2.56 5.84 -13.47
C ALA A 199 -3.22 6.47 -14.69
N THR A 200 -4.54 6.32 -14.79
CA THR A 200 -5.30 6.98 -15.84
C THR A 200 -6.59 7.56 -15.27
N GLY A 201 -7.00 8.71 -15.77
CA GLY A 201 -8.28 9.27 -15.35
C GLY A 201 -9.42 8.45 -15.93
N LYS A 202 -10.65 8.83 -15.59
CA LYS A 202 -11.85 8.19 -16.13
C LYS A 202 -11.92 8.31 -17.66
N ASP A 203 -11.42 9.42 -18.21
CA ASP A 203 -11.39 9.62 -19.64
C ASP A 203 -10.15 8.97 -20.30
N GLY A 204 -9.44 8.14 -19.53
CA GLY A 204 -8.24 7.46 -20.02
C GLY A 204 -6.95 8.26 -20.08
N THR A 205 -7.00 9.55 -19.73
CA THR A 205 -5.81 10.41 -19.79
C THR A 205 -4.76 9.95 -18.76
N PRO A 206 -3.52 9.73 -19.21
CA PRO A 206 -2.49 9.27 -18.26
C PRO A 206 -2.19 10.32 -17.22
N HIS A 207 -2.02 9.90 -15.97
CA HIS A 207 -1.40 10.72 -14.96
C HIS A 207 -0.55 9.89 -14.04
N LEU A 208 0.10 10.53 -13.07
CA LEU A 208 0.77 9.79 -12.02
C LEU A 208 0.04 9.98 -10.70
N GLY A 209 -0.29 8.88 -10.03
CA GLY A 209 -0.80 8.96 -8.67
C GLY A 209 0.39 9.30 -7.77
N LEU A 210 0.18 10.22 -6.83
CA LEU A 210 1.25 10.59 -5.90
C LEU A 210 0.86 10.03 -4.55
N HIS A 211 1.81 9.43 -3.83
CA HIS A 211 1.50 8.79 -2.55
C HIS A 211 2.63 9.06 -1.56
N VAL A 212 2.28 9.07 -0.28
CA VAL A 212 3.26 9.37 0.77
C VAL A 212 3.33 8.18 1.73
N PRO A 213 4.40 7.37 1.61
CA PRO A 213 4.59 6.30 2.58
C PRO A 213 4.94 6.87 3.94
N GLU A 214 4.65 6.13 5.00
CA GLU A 214 4.85 6.65 6.34
C GLU A 214 6.35 6.80 6.64
N TRP A 215 7.12 5.75 6.33
CA TRP A 215 8.55 5.76 6.67
C TRP A 215 9.35 6.68 5.82
N GLY A 216 10.33 7.33 6.43
CA GLY A 216 11.20 8.25 5.73
C GLY A 216 11.20 9.65 6.32
N GLY A 217 10.61 9.80 7.51
CA GLY A 217 10.61 11.09 8.22
C GLY A 217 9.60 12.10 7.69
N PRO A 218 9.72 13.37 8.17
CA PRO A 218 8.75 14.41 7.78
C PRO A 218 8.73 14.69 6.28
N LEU A 219 7.61 15.23 5.81
CA LEU A 219 7.45 15.61 4.42
C LEU A 219 8.12 16.97 4.18
N LEU A 220 9.45 17.01 4.33
CA LEU A 220 10.22 18.25 4.18
C LEU A 220 10.10 18.79 2.75
N PRO A 221 9.89 20.12 2.60
CA PRO A 221 9.78 20.72 1.28
C PRO A 221 10.87 20.35 0.28
N LYS A 222 12.13 20.30 0.69
CA LYS A 222 13.22 19.92 -0.21
C LYS A 222 13.15 18.45 -0.65
N ALA A 223 12.68 17.59 0.23
CA ALA A 223 12.54 16.17 -0.11
C ALA A 223 11.35 15.97 -1.06
N TYR A 224 10.24 16.65 -0.75
CA TYR A 224 9.05 16.65 -1.63
C TYR A 224 9.42 17.17 -3.05
N ASP A 225 10.15 18.28 -3.10
CA ASP A 225 10.52 18.90 -4.37
CA ASP A 225 10.55 18.91 -4.36
C ASP A 225 11.44 18.01 -5.20
N GLU A 226 12.39 17.34 -4.54
CA GLU A 226 13.28 16.40 -5.20
CA GLU A 226 13.29 16.42 -5.21
C GLU A 226 12.50 15.25 -5.83
N SER A 227 11.55 14.71 -5.08
CA SER A 227 10.72 13.64 -5.61
C SER A 227 9.93 14.09 -6.82
N LEU A 228 9.26 15.25 -6.73
CA LEU A 228 8.54 15.80 -7.88
C LEU A 228 9.40 15.96 -9.12
N HIS A 229 10.64 16.41 -8.95
CA HIS A 229 11.57 16.52 -10.07
C HIS A 229 11.99 15.20 -10.66
N ARG A 230 11.91 14.13 -9.88
CA ARG A 230 12.30 12.81 -10.38
C ARG A 230 11.21 12.15 -11.25
N ALA A 231 9.97 12.58 -11.07
CA ALA A 231 8.84 11.84 -11.60
C ALA A 231 8.85 11.75 -13.14
N ARG A 232 8.81 12.89 -13.83
CA ARG A 232 8.74 12.86 -15.28
C ARG A 232 9.95 12.17 -15.93
N PRO A 233 11.19 12.51 -15.50
CA PRO A 233 12.34 11.81 -16.10
C PRO A 233 12.29 10.30 -15.89
N PHE A 234 11.87 9.87 -14.70
CA PHE A 234 11.79 8.45 -14.43
C PHE A 234 10.79 7.75 -15.36
N PHE A 235 9.57 8.25 -15.39
CA PHE A 235 8.53 7.58 -16.18
C PHE A 235 8.70 7.75 -17.70
N ASP A 236 9.21 8.90 -18.13
CA ASP A 236 9.45 9.10 -19.56
C ASP A 236 10.58 8.20 -20.05
N ARG A 237 11.56 7.92 -19.18
CA ARG A 237 12.59 6.94 -19.53
C ARG A 237 12.12 5.47 -19.54
N HIS A 238 11.43 5.03 -18.49
CA HIS A 238 11.14 3.61 -18.36
C HIS A 238 9.76 3.20 -18.82
N PHE A 239 8.83 4.13 -18.83
CA PHE A 239 7.46 3.89 -19.34
C PHE A 239 7.13 5.01 -20.32
N PRO A 240 7.90 5.10 -21.42
CA PRO A 240 7.74 6.25 -22.32
C PRO A 240 6.34 6.28 -22.94
N GLU A 241 5.69 5.12 -23.00
CA GLU A 241 4.34 5.05 -23.58
C GLU A 241 3.28 5.75 -22.71
N HIS A 242 3.61 6.01 -21.44
CA HIS A 242 2.61 6.57 -20.53
C HIS A 242 2.36 8.03 -20.77
N GLY A 243 3.40 8.85 -20.62
CA GLY A 243 3.34 10.28 -20.98
C GLY A 243 2.52 11.20 -20.08
N ALA A 244 2.48 10.92 -18.78
CA ALA A 244 1.77 11.80 -17.84
C ALA A 244 2.44 13.16 -17.74
N ARG A 245 1.63 14.21 -17.57
CA ARG A 245 2.15 15.56 -17.31
C ARG A 245 1.78 16.08 -15.94
N VAL A 246 0.85 15.40 -15.27
CA VAL A 246 0.26 15.87 -14.01
CA VAL A 246 0.38 15.88 -13.96
C VAL A 246 0.30 14.76 -12.94
N ALA A 247 0.47 15.13 -11.67
CA ALA A 247 0.33 14.21 -10.56
C ALA A 247 -0.98 14.52 -9.87
N TRP A 248 -1.72 13.46 -9.54
CA TRP A 248 -2.96 13.61 -8.79
CA TRP A 248 -2.99 13.53 -8.81
C TRP A 248 -2.80 13.00 -7.42
N GLY A 249 -3.43 13.64 -6.45
CA GLY A 249 -3.43 13.12 -5.08
C GLY A 249 -4.82 13.17 -4.49
N SER A 250 -5.20 12.13 -3.74
CA SER A 250 -6.42 12.16 -2.93
C SER A 250 -6.00 11.82 -1.51
N SER A 251 -6.31 12.69 -0.55
CA SER A 251 -5.78 12.51 0.80
C SER A 251 -6.49 13.35 1.84
N TRP A 252 -6.53 12.85 3.06
CA TRP A 252 -6.89 13.67 4.22
C TRP A 252 -6.03 14.91 4.31
N MET A 253 -4.81 14.82 3.76
CA MET A 253 -3.78 15.89 3.81
CA MET A 253 -3.81 15.89 3.87
C MET A 253 -4.18 17.15 3.06
N LEU A 254 -5.02 16.98 2.06
CA LEU A 254 -5.42 18.07 1.21
C LEU A 254 -6.66 18.79 1.74
N ASP A 255 -7.18 18.35 2.88
CA ASP A 255 -8.36 18.98 3.50
C ASP A 255 -8.00 20.36 4.04
N PRO A 256 -8.54 21.42 3.42
CA PRO A 256 -8.23 22.79 3.88
C PRO A 256 -8.67 23.09 5.31
N GLN A 257 -9.51 22.24 5.89
CA GLN A 257 -9.91 22.39 7.29
C GLN A 257 -8.74 22.29 8.26
N LEU A 258 -7.63 21.66 7.82
CA LEU A 258 -6.43 21.54 8.64
C LEU A 258 -5.83 22.90 8.99
N GLU A 259 -6.10 23.90 8.15
CA GLU A 259 -5.58 25.26 8.33
C GLU A 259 -6.07 25.93 9.61
N GLU A 260 -7.22 25.48 10.11
CA GLU A 260 -7.75 25.91 11.41
C GLU A 260 -6.84 25.52 12.58
N TYR A 261 -6.07 24.44 12.40
CA TYR A 261 -5.40 23.79 13.53
C TYR A 261 -3.89 23.78 13.43
N LEU A 262 -3.38 23.60 12.22
CA LEU A 262 -1.94 23.50 12.01
C LEU A 262 -1.35 24.87 11.71
N THR A 263 -0.14 25.09 12.18
CA THR A 263 0.48 26.39 12.02
C THR A 263 1.32 26.47 10.73
N GLU A 264 1.96 27.62 10.55
CA GLU A 264 2.71 27.91 9.34
C GLU A 264 3.95 27.04 9.15
N ASP A 265 4.43 26.47 10.25
CA ASP A 265 5.59 25.59 10.19
C ASP A 265 5.22 24.17 9.72
N SER A 266 3.92 23.88 9.63
CA SER A 266 3.47 22.57 9.16
C SER A 266 3.88 22.33 7.71
N ASN A 267 4.51 21.18 7.47
CA ASN A 267 4.87 20.77 6.12
C ASN A 267 3.64 20.58 5.23
N ILE A 268 2.60 19.96 5.78
CA ILE A 268 1.33 19.77 5.06
C ILE A 268 0.76 21.12 4.59
N ILE A 269 0.65 22.08 5.51
CA ILE A 269 0.11 23.39 5.17
C ILE A 269 0.92 24.04 4.05
N GLN A 270 2.23 24.16 4.24
CA GLN A 270 3.11 24.79 3.24
C GLN A 270 2.98 24.14 1.85
N LEU A 271 3.02 22.81 1.82
CA LEU A 271 3.02 22.10 0.54
C LEU A 271 1.64 22.01 -0.13
N ALA A 272 0.57 21.88 0.66
CA ALA A 272 -0.80 21.86 0.10
C ALA A 272 -1.12 23.13 -0.68
N ARG A 273 -0.42 24.22 -0.35
CA ARG A 273 -0.57 25.51 -1.04
C ARG A 273 -0.23 25.47 -2.53
N PHE A 274 0.63 24.53 -2.92
CA PHE A 274 0.93 24.35 -4.35
C PHE A 274 -0.16 23.56 -5.10
N TRP A 275 -1.06 22.90 -4.38
CA TRP A 275 -2.06 22.03 -4.99
C TRP A 275 -3.30 22.75 -5.45
N THR A 276 -3.87 22.29 -6.55
CA THR A 276 -5.15 22.79 -7.05
C THR A 276 -6.21 21.72 -6.79
N LEU A 277 -7.14 22.00 -5.88
CA LEU A 277 -8.16 21.03 -5.53
C LEU A 277 -9.23 21.00 -6.62
N THR A 278 -9.67 19.79 -6.99
CA THR A 278 -10.56 19.63 -8.13
C THR A 278 -11.95 19.10 -7.76
N ASP A 279 -12.09 18.58 -6.54
CA ASP A 279 -13.40 18.16 -6.05
C ASP A 279 -14.14 19.34 -5.42
N SER A 280 -15.47 19.22 -5.35
CA SER A 280 -16.32 20.19 -4.71
C SER A 280 -16.08 20.22 -3.21
N ALA A 281 -16.27 21.39 -2.61
CA ALA A 281 -16.34 21.50 -1.16
C ALA A 281 -17.32 20.43 -0.65
N PRO A 282 -16.85 19.51 0.22
CA PRO A 282 -17.77 18.44 0.63
C PRO A 282 -18.85 18.91 1.59
N GLU A 283 -19.94 18.15 1.68
CA GLU A 283 -20.99 18.44 2.65
C GLU A 283 -20.41 18.33 4.04
N PRO A 284 -20.77 19.27 4.94
CA PRO A 284 -20.27 19.24 6.31
C PRO A 284 -20.65 17.96 7.05
N GLY A 285 -21.81 17.40 6.73
CA GLY A 285 -22.31 16.20 7.40
C GLY A 285 -21.72 14.90 6.88
N ASN A 286 -20.96 14.96 5.79
CA ASN A 286 -20.34 13.77 5.21
C ASN A 286 -19.17 13.26 6.06
N ALA A 287 -19.35 12.07 6.64
CA ALA A 287 -18.39 11.52 7.58
C ALA A 287 -17.40 10.51 6.96
N ASP A 288 -17.40 10.39 5.64
CA ASP A 288 -16.59 9.39 4.92
C ASP A 288 -15.08 9.51 5.14
N GLY A 289 -14.60 10.73 5.41
CA GLY A 289 -13.16 10.99 5.53
C GLY A 289 -12.58 10.83 6.92
N ASP A 290 -13.45 10.66 7.91
CA ASP A 290 -13.03 10.49 9.29
C ASP A 290 -12.16 9.25 9.51
N SER A 291 -12.55 8.12 8.94
CA SER A 291 -11.81 6.87 9.12
C SER A 291 -10.40 6.95 8.51
N SER A 292 -10.28 7.65 7.38
CA SER A 292 -8.99 7.80 6.72
C SER A 292 -7.99 8.56 7.60
N ILE A 293 -8.37 9.76 8.07
CA ILE A 293 -7.46 10.55 8.91
C ILE A 293 -7.13 9.82 10.21
N LEU A 294 -8.10 9.07 10.74
CA LEU A 294 -7.88 8.32 11.96
C LEU A 294 -6.88 7.17 11.72
N GLU A 295 -7.01 6.51 10.56
CA GLU A 295 -6.03 5.48 10.16
C GLU A 295 -4.63 6.06 10.11
N PHE A 296 -4.45 7.13 9.35
CA PHE A 296 -3.11 7.67 9.13
C PHE A 296 -2.48 8.47 10.26
N VAL A 297 -3.30 9.01 11.15
CA VAL A 297 -2.78 9.74 12.31
C VAL A 297 -2.60 8.82 13.52
N PHE A 298 -3.50 7.86 13.69
CA PHE A 298 -3.49 7.00 14.89
C PHE A 298 -3.44 5.50 14.62
N ARG A 299 -3.54 5.08 13.36
CA ARG A 299 -3.79 3.67 13.00
C ARG A 299 -4.96 3.18 13.85
N TYR A 300 -6.06 3.90 13.74
CA TYR A 300 -7.21 3.74 14.60
C TYR A 300 -7.80 2.34 14.52
N ASN A 301 -8.01 1.74 15.68
CA ASN A 301 -8.64 0.43 15.78
C ASN A 301 -9.77 0.43 16.82
N GLY A 302 -10.62 1.45 16.76
CA GLY A 302 -11.84 1.49 17.54
C GLY A 302 -11.73 1.94 18.98
N GLN A 303 -10.57 2.45 19.38
CA GLN A 303 -10.35 2.94 20.75
C GLN A 303 -11.30 4.09 21.10
N PRO A 304 -11.59 4.27 22.41
CA PRO A 304 -12.25 5.51 22.84
C PRO A 304 -11.38 6.73 22.52
N LEU A 305 -11.99 7.74 21.90
CA LEU A 305 -11.27 8.88 21.32
C LEU A 305 -10.33 9.63 22.28
N ASP A 306 -10.82 9.97 23.48
CA ASP A 306 -10.00 10.69 24.44
C ASP A 306 -8.92 9.81 25.09
N GLU A 307 -8.80 8.57 24.61
CA GLU A 307 -7.71 7.68 25.01
C GLU A 307 -6.71 7.47 23.87
N LEU A 308 -6.80 8.31 22.85
CA LEU A 308 -5.79 8.37 21.79
C LEU A 308 -4.73 9.40 22.17
N PRO A 309 -3.48 9.23 21.70
CA PRO A 309 -2.41 10.18 22.05
C PRO A 309 -2.70 11.62 21.61
N GLN A 310 -2.10 12.57 22.31
CA GLN A 310 -2.32 14.00 22.06
C GLN A 310 -1.00 14.75 22.09
N ARG A 311 0.07 14.07 21.68
CA ARG A 311 1.42 14.63 21.72
C ARG A 311 1.69 15.69 20.64
N SER A 312 1.18 15.48 19.43
CA SER A 312 1.45 16.40 18.31
C SER A 312 0.26 17.32 18.04
N SER A 313 0.51 18.44 17.36
CA SER A 313 -0.56 19.37 17.01
C SER A 313 -1.65 18.73 16.15
N LEU A 314 -1.26 17.81 15.26
CA LEU A 314 -2.23 17.14 14.39
C LEU A 314 -3.10 16.14 15.15
N GLU A 315 -2.48 15.38 16.07
CA GLU A 315 -3.23 14.47 16.94
C GLU A 315 -4.30 15.23 17.72
N ARG A 316 -3.93 16.39 18.27
CA ARG A 316 -4.87 17.24 19.01
C ARG A 316 -5.94 17.79 18.08
N ALA A 317 -5.53 18.16 16.86
CA ALA A 317 -6.45 18.68 15.84
C ALA A 317 -7.52 17.68 15.45
N VAL A 318 -7.11 16.46 15.08
CA VAL A 318 -8.06 15.45 14.62
C VAL A 318 -9.16 15.21 15.65
N ILE A 319 -8.75 15.12 16.92
CA ILE A 319 -9.69 14.82 18.01
C ILE A 319 -10.57 16.03 18.35
N ALA A 320 -9.95 17.21 18.47
CA ALA A 320 -10.68 18.45 18.72
C ALA A 320 -11.81 18.65 17.71
N HIS A 321 -11.47 18.56 16.41
CA HIS A 321 -12.44 18.70 15.33
C HIS A 321 -13.59 17.73 15.44
N LEU A 322 -13.26 16.46 15.69
CA LEU A 322 -14.27 15.42 15.84
C LEU A 322 -15.14 15.60 17.10
N LYS A 323 -14.53 15.97 18.21
CA LYS A 323 -15.28 16.23 19.45
C LYS A 323 -16.28 17.38 19.27
N ALA A 324 -15.94 18.34 18.41
CA ALA A 324 -16.79 19.50 18.15
C ALA A 324 -17.98 19.17 17.24
N GLY A 325 -18.10 17.92 16.83
CA GLY A 325 -19.19 17.48 15.97
C GLY A 325 -18.92 17.71 14.50
N ARG A 326 -17.65 17.92 14.15
CA ARG A 326 -17.28 18.24 12.78
C ARG A 326 -16.57 17.05 12.11
N HIS A 327 -16.41 17.11 10.78
CA HIS A 327 -15.92 15.97 10.00
C HIS A 327 -14.76 16.32 9.10
N TRP A 328 -13.89 15.33 8.91
CA TRP A 328 -12.72 15.45 8.05
C TRP A 328 -13.03 14.86 6.70
N HIS A 329 -12.47 15.45 5.64
CA HIS A 329 -12.77 15.02 4.28
C HIS A 329 -11.54 14.77 3.46
N MET A 330 -11.54 13.67 2.73
CA MET A 330 -10.53 13.43 1.70
C MET A 330 -10.75 14.46 0.60
N ARG A 331 -9.67 15.09 0.16
CA ARG A 331 -9.79 16.02 -0.96
C ARG A 331 -8.86 15.57 -2.07
N THR A 332 -9.19 15.96 -3.31
CA THR A 332 -8.48 15.54 -4.48
C THR A 332 -7.96 16.77 -5.23
N GLY A 333 -6.73 16.70 -5.69
CA GLY A 333 -6.14 17.79 -6.43
C GLY A 333 -5.01 17.32 -7.30
N PHE A 334 -4.37 18.27 -7.98
CA PHE A 334 -3.26 17.98 -8.87
C PHE A 334 -2.15 19.02 -8.74
N VAL A 335 -0.96 18.61 -9.18
CA VAL A 335 0.16 19.51 -9.40
C VAL A 335 0.80 19.10 -10.73
N LYS A 336 1.17 20.08 -11.54
CA LYS A 336 1.88 19.80 -12.79
C LYS A 336 3.26 19.23 -12.47
N LEU A 337 3.69 18.25 -13.24
CA LEU A 337 5.03 17.67 -13.03
C LEU A 337 6.11 18.59 -13.59
N PRO A 338 7.13 18.91 -12.76
CA PRO A 338 8.19 19.78 -13.29
C PRO A 338 8.95 19.09 -14.42
#